data_4MNK
#
_entry.id   4MNK
#
_cell.length_a   57.822
_cell.length_b   64.036
_cell.length_c   85.986
_cell.angle_alpha   90.00
_cell.angle_beta   90.00
_cell.angle_gamma   90.00
#
_symmetry.space_group_name_H-M   'P 21 21 21'
#
loop_
_entity.id
_entity.type
_entity.pdbx_description
1 polymer 'Chitinase A'
2 branched 2-acetamido-2-deoxy-beta-D-glucopyranose-(1-4)-2-acetamido-2-deoxy-beta-D-glucopyranose-(1-4)-2-acetamido-2-deoxy-beta-D-glucopyranose
3 branched 2-acetamido-2-deoxy-beta-D-glucopyranose-(1-4)-2-acetamido-2-deoxy-beta-D-glucopyranose
4 non-polymer 'ACETATE ION'
5 non-polymer 2-[3-(2-HYDROXY-1,1-DIHYDROXYMETHYL-ETHYLAMINO)-PROPYLAMINO]-2-HYDROXYMETHYL-PROPANE-1,3-DIOL
6 water water
#
_entity_poly.entity_id   1
_entity_poly.type   'polypeptide(L)'
_entity_poly.pdbx_seq_one_letter_code
;MQNALKVGFWPAYSVSEFPPSKINSRLFTHLYYAFAELNAPTFEVRVPPGSEKTAEDFTPTVRRLNPSVKTLISIGGGGS
EVRDNFAKLNSDASARQRFVKSSIALARRYGFHGLDLDYEYPEPQLEMENFVKLVSELTAAIREEARTSGKPRLLLTEAV
YFHQKLFPWEVVTEYPVQFIAAGLDWVNVMAYDFHGSWENFTGAPAALRDPNSKFTASVGIESFLAAGMPPEKLVLGIPL
FGRSWLLKNNNEVGIGAPAVGAGPVDGALSFSEIQNFIRGGAREVFDTTTVSAYAYKDNVWVGYDNQQSVALKVQYAKEK
RLGGYFFWSVNQDIDAILPKIASDTWGG
;
_entity_poly.pdbx_strand_id   A
#
# COMPACT_ATOMS: atom_id res chain seq x y z
N ALA A 4 1.15 -17.80 1.71
CA ALA A 4 0.25 -16.82 2.39
C ALA A 4 1.02 -15.58 2.82
N LEU A 5 0.95 -14.54 1.98
CA LEU A 5 1.68 -13.30 2.22
C LEU A 5 0.91 -12.39 3.17
N LYS A 6 1.54 -12.03 4.28
CA LYS A 6 0.96 -11.13 5.27
C LYS A 6 1.88 -9.92 5.35
N VAL A 7 1.49 -8.84 4.68
CA VAL A 7 2.40 -7.75 4.39
C VAL A 7 2.03 -6.48 5.17
N GLY A 8 3.03 -5.79 5.68
CA GLY A 8 2.82 -4.52 6.37
C GLY A 8 3.81 -3.46 5.93
N PHE A 9 3.32 -2.23 5.78
CA PHE A 9 4.17 -1.10 5.44
C PHE A 9 4.43 -0.23 6.66
N TRP A 10 5.71 0.04 6.93
CA TRP A 10 6.11 0.97 7.99
C TRP A 10 6.70 2.22 7.37
N PRO A 11 6.07 3.39 7.62
CA PRO A 11 6.59 4.62 7.05
C PRO A 11 7.59 5.30 7.99
N ALA A 12 8.75 5.66 7.44
CA ALA A 12 9.83 6.25 8.22
C ALA A 12 9.45 7.54 8.97
N TYR A 13 8.45 8.27 8.46
CA TYR A 13 7.99 9.52 9.10
C TYR A 13 7.52 9.30 10.54
N SER A 14 7.13 8.06 10.85
CA SER A 14 6.49 7.75 12.13
C SER A 14 7.46 7.34 13.23
N VAL A 15 8.77 7.40 12.94
CA VAL A 15 9.80 6.83 13.82
C VAL A 15 9.73 7.26 15.30
N SER A 16 9.44 8.53 15.56
CA SER A 16 9.43 9.07 16.93
C SER A 16 8.26 8.53 17.76
N GLU A 17 7.10 8.36 17.12
CA GLU A 17 5.90 7.88 17.81
C GLU A 17 5.70 6.38 17.67
N PHE A 18 6.21 5.80 16.59
CA PHE A 18 6.08 4.37 16.33
C PHE A 18 7.36 3.83 15.70
N PRO A 19 8.40 3.61 16.50
CA PRO A 19 9.65 3.05 15.96
C PRO A 19 9.44 1.59 15.51
N PRO A 20 10.33 1.07 14.64
CA PRO A 20 10.16 -0.31 14.16
C PRO A 20 10.04 -1.35 15.27
N SER A 21 10.62 -1.08 16.44
CA SER A 21 10.52 -1.98 17.58
C SER A 21 9.09 -2.23 18.06
N LYS A 22 8.18 -1.32 17.70
CA LYS A 22 6.78 -1.42 18.11
C LYS A 22 5.92 -2.29 17.19
N ILE A 23 6.44 -2.62 16.01
CA ILE A 23 5.73 -3.48 15.06
C ILE A 23 5.61 -4.89 15.61
N ASN A 24 4.41 -5.44 15.63
CA ASN A 24 4.24 -6.83 15.99
C ASN A 24 4.56 -7.71 14.79
N SER A 25 5.84 -8.01 14.58
N SER A 25 5.85 -8.02 14.63
CA SER A 25 6.25 -8.74 13.39
CA SER A 25 6.38 -8.78 13.50
C SER A 25 5.84 -10.21 13.37
C SER A 25 5.81 -10.19 13.37
N ARG A 26 5.29 -10.70 14.48
CA ARG A 26 4.72 -12.05 14.54
C ARG A 26 3.51 -12.19 13.60
N LEU A 27 2.89 -11.06 13.27
CA LEU A 27 1.65 -11.03 12.50
C LEU A 27 1.90 -10.86 11.00
N PHE A 28 3.17 -10.88 10.59
CA PHE A 28 3.55 -10.59 9.21
C PHE A 28 4.54 -11.60 8.68
N THR A 29 4.56 -11.75 7.35
CA THR A 29 5.61 -12.49 6.66
C THR A 29 6.61 -11.54 6.02
N HIS A 30 6.14 -10.33 5.66
CA HIS A 30 6.98 -9.33 4.99
C HIS A 30 6.66 -7.94 5.50
N LEU A 31 7.70 -7.17 5.80
CA LEU A 31 7.55 -5.81 6.26
C LEU A 31 8.34 -4.86 5.37
N TYR A 32 7.69 -3.78 4.94
CA TYR A 32 8.27 -2.82 4.03
C TYR A 32 8.68 -1.56 4.77
N TYR A 33 9.86 -1.04 4.41
CA TYR A 33 10.31 0.28 4.81
C TYR A 33 9.90 1.27 3.73
N ALA A 34 9.14 2.29 4.09
CA ALA A 34 8.64 3.31 3.16
C ALA A 34 9.12 4.70 3.60
N PHE A 35 9.89 5.43 2.78
CA PHE A 35 10.31 5.10 1.43
C PHE A 35 11.76 5.54 1.22
N ALA A 36 12.47 4.84 0.34
CA ALA A 36 13.68 5.38 -0.25
C ALA A 36 13.28 6.40 -1.31
N GLU A 37 14.15 7.38 -1.55
N GLU A 37 14.13 7.39 -1.55
CA GLU A 37 13.89 8.44 -2.52
CA GLU A 37 13.84 8.42 -2.53
C GLU A 37 14.64 8.21 -3.83
C GLU A 37 14.63 8.22 -3.83
N LEU A 38 14.09 8.75 -4.92
CA LEU A 38 14.68 8.58 -6.25
C LEU A 38 15.96 9.38 -6.44
N ASN A 39 16.05 10.52 -5.75
CA ASN A 39 17.25 11.36 -5.77
C ASN A 39 17.63 11.83 -7.18
N ALA A 40 16.68 12.46 -7.86
CA ALA A 40 16.95 13.16 -9.12
C ALA A 40 17.97 14.28 -8.85
N PRO A 41 18.84 14.60 -9.84
CA PRO A 41 18.92 14.07 -11.21
C PRO A 41 19.84 12.86 -11.41
N THR A 42 20.64 12.52 -10.40
CA THR A 42 21.58 11.39 -10.54
C THR A 42 20.84 10.05 -10.49
N PHE A 43 19.71 10.03 -9.79
CA PHE A 43 18.94 8.81 -9.55
C PHE A 43 19.77 7.71 -8.88
N GLU A 44 20.70 8.15 -8.04
CA GLU A 44 21.37 7.27 -7.11
C GLU A 44 20.44 7.13 -5.91
N VAL A 45 19.61 6.09 -5.96
CA VAL A 45 18.56 5.85 -4.98
C VAL A 45 19.15 5.73 -3.58
N ARG A 46 18.45 6.32 -2.61
CA ARG A 46 18.95 6.39 -1.23
C ARG A 46 17.78 6.59 -0.26
N VAL A 47 17.98 6.26 1.01
CA VAL A 47 17.03 6.72 2.02
C VAL A 47 17.32 8.20 2.26
N PRO A 48 16.29 8.98 2.65
CA PRO A 48 16.52 10.39 2.95
C PRO A 48 17.75 10.55 3.85
N PRO A 49 18.75 11.36 3.41
CA PRO A 49 19.92 11.58 4.25
C PRO A 49 19.53 11.97 5.68
N GLY A 50 20.23 11.37 6.64
CA GLY A 50 19.89 11.53 8.06
C GLY A 50 19.13 10.36 8.64
N SER A 51 18.57 9.52 7.78
N SER A 51 18.58 9.51 7.77
CA SER A 51 17.81 8.36 8.24
CA SER A 51 17.79 8.36 8.19
C SER A 51 18.50 7.03 7.93
C SER A 51 18.53 7.02 8.06
N GLU A 52 19.81 7.08 7.68
CA GLU A 52 20.61 5.88 7.42
C GLU A 52 20.60 4.86 8.56
N LYS A 53 20.69 5.35 9.79
CA LYS A 53 20.69 4.45 10.96
C LYS A 53 19.35 3.72 11.10
N THR A 54 18.26 4.47 10.94
CA THR A 54 16.91 3.90 11.00
C THR A 54 16.72 2.80 9.93
N ALA A 55 17.17 3.08 8.72
CA ALA A 55 17.06 2.12 7.62
C ALA A 55 17.88 0.85 7.87
N GLU A 56 19.10 1.03 8.39
CA GLU A 56 19.96 -0.11 8.70
C GLU A 56 19.38 -0.98 9.82
N ASP A 57 18.85 -0.34 10.86
CA ASP A 57 18.39 -1.05 12.03
C ASP A 57 17.03 -1.72 11.84
N PHE A 58 16.29 -1.29 10.82
CA PHE A 58 14.91 -1.75 10.59
C PHE A 58 14.81 -3.27 10.57
N THR A 59 15.60 -3.92 9.72
CA THR A 59 15.45 -5.36 9.51
C THR A 59 15.88 -6.19 10.73
N PRO A 60 17.09 -5.95 11.28
CA PRO A 60 17.43 -6.67 12.51
C PRO A 60 16.41 -6.45 13.64
N THR A 61 15.87 -5.24 13.75
CA THR A 61 14.89 -4.94 14.78
C THR A 61 13.60 -5.76 14.62
N VAL A 62 12.99 -5.72 13.45
CA VAL A 62 11.71 -6.41 13.26
C VAL A 62 11.89 -7.93 13.33
N ARG A 63 13.05 -8.43 12.92
CA ARG A 63 13.29 -9.88 12.94
C ARG A 63 13.47 -10.44 14.36
N ARG A 64 13.75 -9.58 15.33
CA ARG A 64 13.94 -10.05 16.72
C ARG A 64 12.68 -10.72 17.30
N LEU A 65 11.50 -10.26 16.87
CA LEU A 65 10.24 -10.80 17.37
C LEU A 65 9.74 -11.97 16.54
N ASN A 66 10.16 -11.99 15.27
CA ASN A 66 9.79 -13.05 14.34
C ASN A 66 10.92 -13.23 13.33
N PRO A 67 11.92 -14.05 13.66
CA PRO A 67 13.10 -14.18 12.80
C PRO A 67 12.78 -14.57 11.36
N SER A 68 11.68 -15.29 11.16
CA SER A 68 11.26 -15.72 9.82
C SER A 68 10.79 -14.57 8.91
N VAL A 69 10.46 -13.42 9.50
CA VAL A 69 9.95 -12.29 8.72
C VAL A 69 11.03 -11.76 7.76
N LYS A 70 10.61 -11.37 6.57
CA LYS A 70 11.51 -10.77 5.58
C LYS A 70 11.13 -9.31 5.36
N THR A 71 12.04 -8.55 4.78
CA THR A 71 11.80 -7.12 4.58
C THR A 71 12.08 -6.69 3.16
N LEU A 72 11.40 -5.62 2.74
CA LEU A 72 11.64 -4.97 1.46
C LEU A 72 11.72 -3.48 1.70
N ILE A 73 12.45 -2.78 0.84
CA ILE A 73 12.48 -1.33 0.88
C ILE A 73 11.74 -0.79 -0.34
N SER A 74 10.76 0.08 -0.08
CA SER A 74 9.95 0.67 -1.12
C SER A 74 10.52 2.00 -1.58
N ILE A 75 10.59 2.18 -2.90
CA ILE A 75 11.16 3.36 -3.52
C ILE A 75 10.04 4.20 -4.12
N GLY A 76 9.99 5.47 -3.73
CA GLY A 76 9.03 6.40 -4.28
C GLY A 76 7.97 6.83 -3.29
N GLY A 77 6.74 6.46 -3.56
CA GLY A 77 5.60 6.87 -2.74
C GLY A 77 4.56 7.57 -3.58
N GLY A 78 3.43 7.88 -2.96
CA GLY A 78 2.38 8.64 -3.63
C GLY A 78 2.78 10.10 -3.70
N GLY A 79 2.08 10.87 -4.52
CA GLY A 79 2.36 12.29 -4.62
C GLY A 79 3.06 12.68 -5.89
N SER A 80 2.92 13.96 -6.23
CA SER A 80 3.32 14.49 -7.52
C SER A 80 4.83 14.49 -7.75
N GLU A 81 5.60 14.81 -6.73
CA GLU A 81 7.06 14.88 -6.85
C GLU A 81 7.67 13.54 -7.26
N VAL A 82 7.21 12.46 -6.63
CA VAL A 82 7.68 11.12 -6.96
C VAL A 82 7.29 10.75 -8.39
N ARG A 83 6.03 10.99 -8.75
CA ARG A 83 5.53 10.72 -10.09
C ARG A 83 6.36 11.46 -11.15
N ASP A 84 6.63 12.73 -10.90
CA ASP A 84 7.45 13.55 -11.80
C ASP A 84 8.85 12.95 -11.97
N ASN A 85 9.44 12.52 -10.85
CA ASN A 85 10.76 11.93 -10.86
C ASN A 85 10.83 10.61 -11.63
N PHE A 86 9.85 9.74 -11.42
CA PHE A 86 9.76 8.49 -12.20
C PHE A 86 9.63 8.79 -13.70
N ALA A 87 8.79 9.77 -14.04
CA ALA A 87 8.58 10.13 -15.45
C ALA A 87 9.87 10.64 -16.10
N LYS A 88 10.64 11.45 -15.37
CA LYS A 88 11.94 11.93 -15.86
C LYS A 88 12.93 10.78 -16.00
N LEU A 89 13.01 9.97 -14.94
CA LEU A 89 13.88 8.81 -14.90
C LEU A 89 13.66 7.86 -16.07
N ASN A 90 12.41 7.46 -16.28
CA ASN A 90 12.11 6.34 -17.17
C ASN A 90 12.35 6.64 -18.65
N SER A 91 12.42 7.92 -18.99
CA SER A 91 12.67 8.36 -20.37
C SER A 91 14.16 8.42 -20.72
N ASP A 92 15.02 8.24 -19.72
CA ASP A 92 16.46 8.44 -19.85
C ASP A 92 17.19 7.11 -19.56
N ALA A 93 17.68 6.46 -20.62
CA ALA A 93 18.33 5.15 -20.51
C ALA A 93 19.49 5.13 -19.52
N SER A 94 20.32 6.17 -19.54
CA SER A 94 21.44 6.28 -18.62
C SER A 94 20.96 6.41 -17.17
N ALA A 95 19.93 7.22 -16.96
CA ALA A 95 19.34 7.38 -15.64
C ALA A 95 18.75 6.06 -15.12
N ARG A 96 18.07 5.32 -16.00
CA ARG A 96 17.52 4.00 -15.62
C ARG A 96 18.61 3.06 -15.15
N GLN A 97 19.76 3.08 -15.84
CA GLN A 97 20.90 2.26 -15.46
C GLN A 97 21.40 2.61 -14.06
N ARG A 98 21.52 3.90 -13.77
CA ARG A 98 21.97 4.37 -12.46
C ARG A 98 20.98 3.98 -11.37
N PHE A 99 19.69 4.11 -11.67
CA PHE A 99 18.61 3.73 -10.74
C PHE A 99 18.67 2.24 -10.42
N VAL A 100 18.80 1.42 -11.45
CA VAL A 100 18.80 -0.03 -11.29
C VAL A 100 19.98 -0.49 -10.42
N LYS A 101 21.18 0.01 -10.74
CA LYS A 101 22.39 -0.33 -10.00
C LYS A 101 22.31 0.12 -8.54
N SER A 102 21.90 1.36 -8.32
CA SER A 102 21.85 1.93 -6.98
C SER A 102 20.74 1.33 -6.10
N SER A 103 19.62 0.94 -6.70
N SER A 103 19.62 0.95 -6.71
CA SER A 103 18.52 0.34 -5.93
CA SER A 103 18.51 0.32 -5.98
C SER A 103 18.88 -1.04 -5.41
C SER A 103 18.91 -1.03 -5.41
N ILE A 104 19.53 -1.85 -6.26
CA ILE A 104 20.00 -3.17 -5.85
C ILE A 104 21.06 -3.03 -4.75
N ALA A 105 21.99 -2.09 -4.94
CA ALA A 105 23.03 -1.82 -3.94
C ALA A 105 22.43 -1.37 -2.61
N LEU A 106 21.39 -0.55 -2.67
CA LEU A 106 20.71 -0.05 -1.48
C LEU A 106 20.08 -1.17 -0.66
N ALA A 107 19.37 -2.07 -1.32
CA ALA A 107 18.73 -3.19 -0.64
C ALA A 107 19.78 -4.05 0.09
N ARG A 108 20.87 -4.36 -0.60
CA ARG A 108 21.95 -5.15 0.00
C ARG A 108 22.64 -4.39 1.14
N ARG A 109 22.83 -3.08 0.97
N ARG A 109 22.85 -3.09 0.94
CA ARG A 109 23.55 -2.28 1.95
CA ARG A 109 23.50 -2.22 1.93
C ARG A 109 22.85 -2.22 3.32
C ARG A 109 22.85 -2.32 3.30
N TYR A 110 21.53 -2.22 3.32
CA TYR A 110 20.77 -2.17 4.57
C TYR A 110 20.18 -3.51 5.02
N GLY A 111 20.44 -4.58 4.26
CA GLY A 111 20.02 -5.91 4.66
C GLY A 111 18.56 -6.24 4.36
N PHE A 112 17.99 -5.57 3.36
CA PHE A 112 16.65 -5.88 2.88
C PHE A 112 16.67 -7.09 1.94
N HIS A 113 15.55 -7.81 1.90
CA HIS A 113 15.42 -8.99 1.06
C HIS A 113 14.78 -8.69 -0.30
N GLY A 114 14.38 -7.44 -0.50
CA GLY A 114 13.73 -7.08 -1.75
C GLY A 114 13.52 -5.60 -1.93
N LEU A 115 13.03 -5.28 -3.14
CA LEU A 115 12.75 -3.91 -3.57
C LEU A 115 11.29 -3.80 -3.97
N ASP A 116 10.73 -2.64 -3.72
CA ASP A 116 9.38 -2.32 -4.16
C ASP A 116 9.39 -0.97 -4.86
N LEU A 117 8.59 -0.84 -5.90
CA LEU A 117 8.40 0.43 -6.58
C LEU A 117 7.00 0.96 -6.32
N ASP A 118 6.93 2.18 -5.79
CA ASP A 118 5.64 2.83 -5.58
C ASP A 118 5.55 4.06 -6.49
N TYR A 119 4.94 3.85 -7.65
CA TYR A 119 4.83 4.84 -8.72
C TYR A 119 3.36 5.05 -9.04
N GLU A 120 2.85 6.24 -8.71
CA GLU A 120 1.43 6.53 -8.84
C GLU A 120 1.21 7.72 -9.77
N TYR A 121 1.01 7.49 -11.06
CA TYR A 121 0.88 6.16 -11.69
C TYR A 121 1.60 6.18 -13.05
N PRO A 122 1.95 4.98 -13.58
CA PRO A 122 2.56 4.90 -14.91
C PRO A 122 1.54 5.11 -16.03
N GLU A 123 1.07 6.36 -16.14
CA GLU A 123 0.12 6.77 -17.16
C GLU A 123 0.47 8.20 -17.57
N PRO A 124 0.17 8.59 -18.84
CA PRO A 124 -0.49 7.84 -19.91
C PRO A 124 0.40 6.79 -20.58
N GLN A 125 0.04 6.38 -21.80
CA GLN A 125 0.71 5.27 -22.48
C GLN A 125 2.24 5.38 -22.53
N LEU A 126 2.75 6.58 -22.86
CA LEU A 126 4.20 6.79 -22.89
C LEU A 126 4.85 6.43 -21.55
N GLU A 127 4.21 6.82 -20.46
CA GLU A 127 4.75 6.55 -19.13
C GLU A 127 4.73 5.07 -18.77
N MET A 128 3.69 4.36 -19.21
CA MET A 128 3.67 2.91 -19.04
C MET A 128 4.79 2.24 -19.85
N GLU A 129 4.95 2.67 -21.11
CA GLU A 129 5.99 2.13 -21.99
C GLU A 129 7.38 2.30 -21.39
N ASN A 130 7.65 3.48 -20.84
CA ASN A 130 8.96 3.74 -20.25
C ASN A 130 9.16 3.03 -18.91
N PHE A 131 8.08 2.87 -18.15
CA PHE A 131 8.12 2.11 -16.90
C PHE A 131 8.42 0.64 -17.18
N VAL A 132 7.84 0.11 -18.25
CA VAL A 132 8.16 -1.25 -18.73
C VAL A 132 9.67 -1.41 -18.95
N LYS A 133 10.32 -0.41 -19.57
CA LYS A 133 11.76 -0.44 -19.79
C LYS A 133 12.51 -0.53 -18.46
N LEU A 134 12.14 0.34 -17.51
CA LEU A 134 12.79 0.34 -16.20
C LEU A 134 12.66 -1.01 -15.49
N VAL A 135 11.44 -1.52 -15.42
CA VAL A 135 11.16 -2.75 -14.69
C VAL A 135 11.83 -3.97 -15.35
N SER A 136 11.83 -4.01 -16.68
CA SER A 136 12.49 -5.11 -17.39
C SER A 136 13.99 -5.12 -17.08
N GLU A 137 14.61 -3.94 -17.10
CA GLU A 137 16.02 -3.79 -16.78
C GLU A 137 16.31 -4.15 -15.32
N LEU A 138 15.41 -3.77 -14.43
CA LEU A 138 15.56 -4.08 -13.00
C LEU A 138 15.49 -5.59 -12.74
N THR A 139 14.51 -6.24 -13.35
CA THR A 139 14.36 -7.70 -13.25
C THR A 139 15.65 -8.43 -13.68
N ALA A 140 16.19 -8.03 -14.83
CA ALA A 140 17.43 -8.63 -15.35
C ALA A 140 18.61 -8.41 -14.42
N ALA A 141 18.75 -7.19 -13.91
CA ALA A 141 19.87 -6.86 -13.02
C ALA A 141 19.76 -7.58 -11.67
N ILE A 142 18.53 -7.79 -11.20
CA ILE A 142 18.28 -8.55 -9.98
C ILE A 142 18.75 -10.01 -10.14
N ARG A 143 18.41 -10.60 -11.29
CA ARG A 143 18.86 -11.96 -11.59
C ARG A 143 20.38 -12.05 -11.74
N GLU A 144 20.98 -11.03 -12.36
CA GLU A 144 22.44 -10.98 -12.53
C GLU A 144 23.18 -10.84 -11.19
N GLU A 145 22.64 -10.01 -10.29
CA GLU A 145 23.24 -9.82 -8.97
C GLU A 145 23.20 -11.10 -8.15
N ALA A 146 22.11 -11.86 -8.28
CA ALA A 146 21.99 -13.17 -7.63
C ALA A 146 23.06 -14.14 -8.12
N ARG A 147 23.36 -14.09 -9.42
CA ARG A 147 24.36 -14.95 -10.03
C ARG A 147 25.77 -14.61 -9.55
N THR A 148 26.10 -13.32 -9.49
CA THR A 148 27.44 -12.88 -9.12
C THR A 148 27.70 -12.96 -7.61
N SER A 149 26.68 -12.69 -6.80
CA SER A 149 26.80 -12.74 -5.34
C SER A 149 26.62 -14.14 -4.76
N GLY A 150 25.84 -14.96 -5.46
CA GLY A 150 25.50 -16.31 -4.99
C GLY A 150 24.31 -16.34 -4.06
N LYS A 151 23.79 -15.16 -3.71
CA LYS A 151 22.65 -15.03 -2.81
C LYS A 151 21.34 -15.22 -3.56
N PRO A 152 20.26 -15.62 -2.85
CA PRO A 152 18.94 -15.65 -3.48
C PRO A 152 18.60 -14.28 -4.04
N ARG A 153 17.95 -14.24 -5.20
CA ARG A 153 17.64 -12.97 -5.82
C ARG A 153 16.74 -12.12 -4.92
N LEU A 154 16.95 -10.81 -4.99
CA LEU A 154 16.08 -9.87 -4.31
C LEU A 154 14.65 -10.07 -4.81
N LEU A 155 13.70 -9.97 -3.89
CA LEU A 155 12.30 -9.90 -4.26
C LEU A 155 12.05 -8.57 -4.97
N LEU A 156 11.07 -8.56 -5.86
CA LEU A 156 10.67 -7.34 -6.54
C LEU A 156 9.15 -7.26 -6.57
N THR A 157 8.62 -6.18 -6.01
CA THR A 157 7.19 -5.94 -6.03
C THR A 157 6.91 -4.51 -6.48
N GLU A 158 5.65 -4.21 -6.75
CA GLU A 158 5.26 -2.83 -7.01
C GLU A 158 3.84 -2.58 -6.53
N ALA A 159 3.57 -1.32 -6.19
CA ALA A 159 2.22 -0.87 -5.89
C ALA A 159 1.45 -0.70 -7.19
N VAL A 160 0.20 -1.16 -7.19
CA VAL A 160 -0.68 -0.94 -8.33
C VAL A 160 -2.00 -0.31 -7.89
N TYR A 161 -2.58 0.47 -8.79
CA TYR A 161 -3.93 1.00 -8.67
C TYR A 161 -4.88 -0.16 -8.39
N PHE A 162 -6.05 0.15 -7.82
CA PHE A 162 -7.02 -0.89 -7.46
C PHE A 162 -7.49 -1.69 -8.67
N HIS A 163 -7.42 -1.06 -9.84
CA HIS A 163 -7.94 -1.60 -11.09
C HIS A 163 -6.82 -1.80 -12.10
N GLN A 164 -6.98 -2.80 -12.97
CA GLN A 164 -5.99 -3.10 -14.00
C GLN A 164 -5.92 -2.03 -15.08
N LYS A 165 -7.01 -1.29 -15.26
CA LYS A 165 -7.08 -0.21 -16.24
C LYS A 165 -6.80 1.14 -15.60
N LEU A 166 -5.96 1.93 -16.27
CA LEU A 166 -5.72 3.31 -15.87
C LEU A 166 -6.33 4.22 -16.93
N PHE A 167 -7.55 4.73 -16.72
CA PHE A 167 -8.39 4.46 -15.55
C PHE A 167 -9.72 3.87 -16.04
N PRO A 168 -10.49 3.19 -15.16
N PRO A 168 -10.49 3.19 -15.15
CA PRO A 168 -11.70 2.47 -15.61
CA PRO A 168 -11.71 2.50 -15.57
C PRO A 168 -12.76 3.33 -16.31
C PRO A 168 -12.69 3.35 -16.38
N TRP A 169 -12.85 4.61 -15.98
CA TRP A 169 -13.80 5.52 -16.62
C TRP A 169 -13.28 6.14 -17.93
N GLU A 170 -11.96 6.12 -18.09
CA GLU A 170 -11.31 6.62 -19.30
C GLU A 170 -9.94 5.95 -19.42
N VAL A 171 -9.88 4.88 -20.21
CA VAL A 171 -8.68 4.06 -20.32
C VAL A 171 -7.63 4.71 -21.21
N VAL A 172 -6.50 5.09 -20.60
CA VAL A 172 -5.37 5.66 -21.35
C VAL A 172 -4.24 4.64 -21.48
N THR A 173 -4.16 3.75 -20.48
CA THR A 173 -3.23 2.62 -20.49
C THR A 173 -3.73 1.57 -19.49
N GLU A 174 -2.97 0.49 -19.34
CA GLU A 174 -3.33 -0.57 -18.40
C GLU A 174 -2.09 -1.33 -17.98
N TYR A 175 -2.14 -2.00 -16.84
CA TYR A 175 -1.00 -2.78 -16.37
C TYR A 175 -0.83 -4.02 -17.22
N PRO A 176 0.38 -4.24 -17.75
CA PRO A 176 0.63 -5.45 -18.56
C PRO A 176 0.84 -6.65 -17.64
N VAL A 177 -0.21 -7.45 -17.46
CA VAL A 177 -0.21 -8.46 -16.40
C VAL A 177 0.77 -9.62 -16.61
N GLN A 178 0.94 -10.05 -17.86
CA GLN A 178 1.88 -11.12 -18.18
C GLN A 178 3.32 -10.66 -17.91
N PHE A 179 3.63 -9.45 -18.37
CA PHE A 179 4.91 -8.80 -18.09
C PHE A 179 5.19 -8.76 -16.58
N ILE A 180 4.21 -8.27 -15.83
CA ILE A 180 4.32 -8.14 -14.38
C ILE A 180 4.52 -9.50 -13.70
N ALA A 181 3.72 -10.49 -14.09
CA ALA A 181 3.82 -11.83 -13.51
C ALA A 181 5.18 -12.48 -13.73
N ALA A 182 5.81 -12.18 -14.88
CA ALA A 182 7.11 -12.73 -15.19
C ALA A 182 8.25 -12.01 -14.45
N GLY A 183 8.11 -10.71 -14.27
CA GLY A 183 9.18 -9.89 -13.70
C GLY A 183 9.15 -9.67 -12.20
N LEU A 184 7.97 -9.84 -11.61
CA LEU A 184 7.74 -9.49 -10.20
C LEU A 184 7.25 -10.67 -9.39
N ASP A 185 7.53 -10.64 -8.09
CA ASP A 185 7.08 -11.68 -7.18
C ASP A 185 5.60 -11.52 -6.84
N TRP A 186 5.16 -10.27 -6.68
CA TRP A 186 3.75 -9.94 -6.55
C TRP A 186 3.53 -8.44 -6.72
N VAL A 187 2.26 -8.04 -6.79
CA VAL A 187 1.90 -6.63 -6.75
C VAL A 187 0.98 -6.36 -5.57
N ASN A 188 1.13 -5.16 -5.03
CA ASN A 188 0.35 -4.71 -3.89
C ASN A 188 -0.80 -3.85 -4.40
N VAL A 189 -2.00 -4.42 -4.38
CA VAL A 189 -3.19 -3.77 -4.95
C VAL A 189 -3.76 -2.78 -3.95
N MET A 190 -3.72 -1.50 -4.31
CA MET A 190 -4.15 -0.43 -3.42
C MET A 190 -5.67 -0.26 -3.46
N ALA A 191 -6.35 -1.21 -2.82
CA ALA A 191 -7.81 -1.30 -2.84
C ALA A 191 -8.45 -0.40 -1.77
N TYR A 192 -8.20 0.89 -1.88
CA TYR A 192 -8.73 1.88 -0.95
C TYR A 192 -8.70 3.27 -1.58
N ASP A 193 -9.13 4.27 -0.82
CA ASP A 193 -9.28 5.65 -1.28
C ASP A 193 -10.27 5.76 -2.45
N PHE A 194 -11.34 4.94 -2.39
CA PHE A 194 -12.41 5.00 -3.37
C PHE A 194 -13.31 6.20 -3.15
N HIS A 195 -13.39 6.64 -1.89
CA HIS A 195 -14.25 7.75 -1.48
C HIS A 195 -13.57 8.55 -0.39
N GLY A 196 -13.89 9.84 -0.33
CA GLY A 196 -13.25 10.73 0.62
C GLY A 196 -13.79 12.14 0.52
N SER A 197 -13.12 13.07 1.21
CA SER A 197 -13.57 14.45 1.36
C SER A 197 -13.64 15.26 0.06
N TRP A 198 -13.09 14.70 -1.02
CA TRP A 198 -13.22 15.31 -2.34
C TRP A 198 -14.65 15.21 -2.87
N GLU A 199 -15.45 14.35 -2.23
CA GLU A 199 -16.87 14.21 -2.52
C GLU A 199 -17.68 14.88 -1.42
N ASN A 200 -18.81 15.48 -1.79
CA ASN A 200 -19.70 16.13 -0.81
C ASN A 200 -20.76 15.18 -0.20
N PHE A 201 -20.46 13.89 -0.22
N PHE A 201 -20.45 13.89 -0.18
CA PHE A 201 -21.28 12.86 0.41
CA PHE A 201 -21.31 12.88 0.43
C PHE A 201 -20.37 11.87 1.11
C PHE A 201 -20.45 11.77 1.03
N THR A 202 -20.85 11.28 2.20
CA THR A 202 -20.12 10.22 2.89
C THR A 202 -20.22 8.91 2.12
N GLY A 203 -19.18 8.09 2.21
CA GLY A 203 -19.13 6.80 1.53
C GLY A 203 -18.11 5.88 2.17
N ALA A 204 -18.06 4.64 1.69
CA ALA A 204 -17.13 3.63 2.20
C ALA A 204 -15.82 3.70 1.40
N PRO A 205 -14.75 4.22 2.02
CA PRO A 205 -13.51 4.51 1.29
C PRO A 205 -12.80 3.27 0.72
N ALA A 206 -13.08 2.10 1.29
CA ALA A 206 -12.43 0.87 0.83
C ALA A 206 -13.43 -0.28 0.64
N ALA A 207 -14.65 0.08 0.23
CA ALA A 207 -15.71 -0.90 0.00
C ALA A 207 -15.22 -2.15 -0.73
N LEU A 208 -15.49 -3.32 -0.15
CA LEU A 208 -15.20 -4.59 -0.81
C LEU A 208 -16.10 -4.78 -2.04
N ARG A 209 -17.38 -4.47 -1.87
CA ARG A 209 -18.34 -4.53 -2.97
C ARG A 209 -19.43 -3.48 -2.77
N ASP A 210 -20.26 -3.32 -3.79
CA ASP A 210 -21.38 -2.39 -3.77
C ASP A 210 -22.35 -2.76 -4.88
N SER A 213 -21.81 0.16 -7.48
CA SER A 213 -20.69 1.04 -7.74
C SER A 213 -19.53 0.32 -8.42
N LYS A 214 -18.74 1.08 -9.18
CA LYS A 214 -17.58 0.54 -9.88
C LYS A 214 -16.32 0.56 -9.03
N PHE A 215 -16.29 1.44 -8.02
CA PHE A 215 -15.10 1.63 -7.19
C PHE A 215 -15.14 0.76 -5.94
N THR A 216 -14.83 -0.53 -6.14
CA THR A 216 -14.78 -1.48 -5.04
C THR A 216 -13.55 -2.37 -5.19
N ALA A 217 -13.10 -2.94 -4.07
CA ALA A 217 -11.96 -3.84 -4.06
C ALA A 217 -12.18 -5.05 -4.97
N SER A 218 -13.37 -5.64 -4.90
CA SER A 218 -13.68 -6.85 -5.68
C SER A 218 -13.67 -6.59 -7.18
N VAL A 219 -14.24 -5.47 -7.62
CA VAL A 219 -14.23 -5.11 -9.04
C VAL A 219 -12.80 -4.93 -9.54
N GLY A 220 -11.98 -4.26 -8.76
CA GLY A 220 -10.56 -4.09 -9.08
C GLY A 220 -9.82 -5.41 -9.19
N ILE A 221 -9.98 -6.27 -8.19
CA ILE A 221 -9.37 -7.60 -8.19
C ILE A 221 -9.84 -8.41 -9.40
N GLU A 222 -11.15 -8.41 -9.65
CA GLU A 222 -11.74 -9.06 -10.82
C GLU A 222 -11.03 -8.62 -12.11
N SER A 223 -10.74 -7.33 -12.23
CA SER A 223 -10.13 -6.78 -13.44
C SER A 223 -8.72 -7.32 -13.71
N PHE A 224 -7.93 -7.47 -12.65
CA PHE A 224 -6.59 -8.06 -12.78
C PHE A 224 -6.67 -9.53 -13.17
N LEU A 225 -7.58 -10.26 -12.54
CA LEU A 225 -7.75 -11.69 -12.83
C LEU A 225 -8.28 -11.94 -14.24
N ALA A 226 -9.21 -11.10 -14.68
CA ALA A 226 -9.76 -11.20 -16.04
C ALA A 226 -8.73 -10.91 -17.12
N ALA A 227 -7.78 -10.03 -16.80
CA ALA A 227 -6.68 -9.70 -17.70
C ALA A 227 -5.67 -10.84 -17.82
N GLY A 228 -5.66 -11.73 -16.83
CA GLY A 228 -4.81 -12.92 -16.85
C GLY A 228 -3.74 -12.98 -15.78
N MET A 229 -3.84 -12.12 -14.77
CA MET A 229 -2.89 -12.17 -13.66
C MET A 229 -3.08 -13.44 -12.85
N PRO A 230 -1.99 -14.22 -12.66
CA PRO A 230 -2.09 -15.36 -11.75
C PRO A 230 -2.54 -14.85 -10.38
N PRO A 231 -3.57 -15.50 -9.78
N PRO A 231 -3.57 -15.49 -9.78
CA PRO A 231 -4.16 -14.99 -8.54
CA PRO A 231 -4.17 -15.01 -8.53
C PRO A 231 -3.15 -14.82 -7.40
C PRO A 231 -3.15 -14.83 -7.40
N GLU A 232 -2.18 -15.73 -7.33
CA GLU A 232 -1.14 -15.70 -6.30
C GLU A 232 -0.21 -14.47 -6.39
N LYS A 233 -0.24 -13.77 -7.53
CA LYS A 233 0.55 -12.55 -7.74
C LYS A 233 -0.13 -11.29 -7.20
N LEU A 234 -1.37 -11.43 -6.73
CA LEU A 234 -2.12 -10.29 -6.21
C LEU A 234 -2.15 -10.31 -4.68
N VAL A 235 -1.78 -9.18 -4.08
CA VAL A 235 -1.85 -9.01 -2.64
C VAL A 235 -2.82 -7.87 -2.36
N LEU A 236 -3.90 -8.19 -1.64
CA LEU A 236 -4.99 -7.23 -1.42
C LEU A 236 -4.67 -6.20 -0.33
N GLY A 237 -4.67 -4.92 -0.70
CA GLY A 237 -4.43 -3.85 0.25
C GLY A 237 -5.63 -3.57 1.13
N ILE A 238 -5.36 -3.34 2.41
CA ILE A 238 -6.37 -2.96 3.40
C ILE A 238 -5.81 -1.76 4.16
N PRO A 239 -6.58 -0.65 4.22
CA PRO A 239 -6.08 0.53 4.91
C PRO A 239 -6.21 0.43 6.43
N LEU A 240 -5.21 0.97 7.13
CA LEU A 240 -5.27 1.10 8.59
C LEU A 240 -5.63 2.53 9.00
N PHE A 241 -6.23 3.25 8.05
CA PHE A 241 -6.73 4.59 8.27
C PHE A 241 -8.12 4.67 7.65
N GLY A 242 -8.90 5.66 8.09
CA GLY A 242 -10.19 5.95 7.51
C GLY A 242 -10.20 7.31 6.86
N ARG A 243 -11.20 7.53 6.02
CA ARG A 243 -11.43 8.85 5.41
C ARG A 243 -12.57 9.54 6.14
N SER A 244 -12.37 10.80 6.46
CA SER A 244 -13.31 11.54 7.28
C SER A 244 -13.91 12.75 6.57
N TRP A 245 -15.13 13.07 6.98
CA TRP A 245 -15.89 14.20 6.46
C TRP A 245 -16.45 15.00 7.62
N LEU A 246 -16.76 16.27 7.35
CA LEU A 246 -17.63 17.05 8.22
C LEU A 246 -19.04 17.00 7.66
N LEU A 247 -20.00 16.63 8.50
CA LEU A 247 -21.39 16.47 8.09
C LEU A 247 -22.07 17.82 7.91
N LYS A 248 -22.92 17.91 6.90
CA LYS A 248 -23.74 19.10 6.68
C LYS A 248 -24.80 19.23 7.79
N ASN A 249 -25.39 18.09 8.15
CA ASN A 249 -26.40 18.03 9.21
C ASN A 249 -26.12 16.87 10.16
N ASN A 250 -26.14 17.17 11.46
CA ASN A 250 -25.82 16.17 12.50
C ASN A 250 -26.84 15.04 12.67
N ASN A 251 -28.01 15.20 12.06
CA ASN A 251 -29.04 14.15 12.10
C ASN A 251 -29.05 13.26 10.86
N GLU A 252 -28.16 13.54 9.92
CA GLU A 252 -27.96 12.68 8.76
C GLU A 252 -26.56 12.08 8.85
N VAL A 253 -26.52 10.82 9.27
CA VAL A 253 -25.28 10.21 9.76
C VAL A 253 -24.91 8.89 9.10
N GLY A 254 -25.68 8.47 8.10
CA GLY A 254 -25.42 7.21 7.41
C GLY A 254 -24.53 7.39 6.20
N ILE A 255 -24.42 6.33 5.40
CA ILE A 255 -23.70 6.40 4.13
C ILE A 255 -24.55 7.19 3.13
N GLY A 256 -23.91 8.11 2.42
CA GLY A 256 -24.59 8.98 1.46
C GLY A 256 -25.11 10.27 2.08
N ALA A 257 -24.74 10.52 3.34
CA ALA A 257 -25.12 11.76 4.03
C ALA A 257 -24.34 12.95 3.44
N PRO A 258 -25.00 14.13 3.31
N PRO A 258 -25.00 14.12 3.30
CA PRO A 258 -24.32 15.31 2.76
CA PRO A 258 -24.33 15.30 2.76
C PRO A 258 -23.18 15.79 3.65
C PRO A 258 -23.18 15.77 3.65
N ALA A 259 -22.10 16.22 3.02
CA ALA A 259 -20.89 16.67 3.73
C ALA A 259 -20.40 18.03 3.23
N VAL A 260 -19.59 18.70 4.05
CA VAL A 260 -19.13 20.06 3.75
C VAL A 260 -17.60 20.23 3.68
N GLY A 261 -16.88 19.11 3.76
CA GLY A 261 -15.42 19.15 3.67
C GLY A 261 -14.74 18.05 4.45
N ALA A 262 -13.42 18.14 4.54
CA ALA A 262 -12.59 17.14 5.23
C ALA A 262 -12.76 17.19 6.73
N GLY A 263 -12.92 16.02 7.34
CA GLY A 263 -12.86 15.90 8.79
C GLY A 263 -11.41 15.83 9.25
N PRO A 264 -11.19 15.54 10.54
CA PRO A 264 -9.82 15.40 11.02
C PRO A 264 -9.21 14.08 10.52
N VAL A 265 -7.90 14.02 10.28
CA VAL A 265 -7.00 15.16 10.22
C VAL A 265 -6.73 15.38 8.74
N ASP A 266 -7.19 16.51 8.21
CA ASP A 266 -7.15 16.78 6.77
C ASP A 266 -7.74 15.62 5.95
N GLY A 267 -8.81 15.02 6.47
CA GLY A 267 -9.54 13.98 5.75
C GLY A 267 -9.13 12.54 6.01
N ALA A 268 -8.13 12.33 6.88
CA ALA A 268 -7.67 10.98 7.20
C ALA A 268 -7.41 10.79 8.69
N LEU A 269 -7.84 9.65 9.22
N LEU A 269 -7.90 9.68 9.23
CA LEU A 269 -7.71 9.35 10.64
CA LEU A 269 -7.71 9.33 10.64
C LEU A 269 -7.21 7.92 10.81
C LEU A 269 -7.15 7.93 10.74
N SER A 270 -6.17 7.73 11.61
CA SER A 270 -5.60 6.40 11.85
C SER A 270 -6.63 5.52 12.57
N PHE A 271 -6.55 4.22 12.38
CA PHE A 271 -7.43 3.29 13.09
C PHE A 271 -7.37 3.52 14.60
N SER A 272 -6.16 3.72 15.13
CA SER A 272 -6.00 3.97 16.56
C SER A 272 -6.74 5.23 17.01
N GLU A 273 -6.70 6.28 16.20
CA GLU A 273 -7.45 7.50 16.49
C GLU A 273 -8.95 7.29 16.35
N ILE A 274 -9.36 6.41 15.43
CA ILE A 274 -10.76 6.04 15.30
C ILE A 274 -11.26 5.28 16.53
N GLN A 275 -10.41 4.42 17.09
CA GLN A 275 -10.73 3.75 18.36
C GLN A 275 -10.91 4.77 19.50
N ASN A 276 -10.05 5.78 19.53
CA ASN A 276 -10.19 6.89 20.49
C ASN A 276 -11.50 7.64 20.27
N PHE A 277 -11.84 7.88 19.00
CA PHE A 277 -13.08 8.54 18.59
C PHE A 277 -14.29 7.80 19.15
N ILE A 278 -14.31 6.48 18.99
CA ILE A 278 -15.38 5.63 19.49
C ILE A 278 -15.44 5.62 21.02
N ARG A 279 -14.29 5.47 21.67
CA ARG A 279 -14.23 5.49 23.13
C ARG A 279 -14.67 6.84 23.71
N GLY A 280 -14.51 7.90 22.92
CA GLY A 280 -14.93 9.24 23.30
C GLY A 280 -16.38 9.57 22.95
N GLY A 281 -17.14 8.57 22.51
CA GLY A 281 -18.57 8.75 22.30
C GLY A 281 -19.10 8.59 20.88
N ALA A 282 -18.24 8.37 19.91
CA ALA A 282 -18.70 8.13 18.54
C ALA A 282 -19.38 6.77 18.43
N ARG A 283 -20.40 6.69 17.57
CA ARG A 283 -21.11 5.44 17.35
C ARG A 283 -20.55 4.71 16.14
N GLU A 284 -20.13 3.46 16.34
CA GLU A 284 -19.66 2.62 15.26
C GLU A 284 -20.81 1.86 14.62
N VAL A 285 -20.80 1.83 13.29
CA VAL A 285 -21.78 1.09 12.51
C VAL A 285 -21.05 0.20 11.51
N PHE A 286 -21.47 -1.07 11.43
CA PHE A 286 -20.98 -1.94 10.39
C PHE A 286 -21.93 -1.87 9.21
N ASP A 287 -21.37 -1.66 8.01
CA ASP A 287 -22.17 -1.61 6.80
C ASP A 287 -22.00 -2.88 5.99
N THR A 288 -23.00 -3.76 6.04
CA THR A 288 -22.89 -5.04 5.36
C THR A 288 -22.92 -4.91 3.83
N THR A 289 -23.60 -3.88 3.34
CA THR A 289 -23.73 -3.61 1.90
C THR A 289 -22.36 -3.44 1.24
N THR A 290 -21.46 -2.70 1.90
CA THR A 290 -20.14 -2.42 1.34
C THR A 290 -19.02 -3.25 1.95
N VAL A 291 -19.31 -3.92 3.07
CA VAL A 291 -18.32 -4.61 3.90
C VAL A 291 -17.30 -3.58 4.40
N SER A 292 -17.77 -2.74 5.32
CA SER A 292 -16.99 -1.63 5.84
C SER A 292 -17.59 -1.15 7.15
N ALA A 293 -16.93 -0.21 7.79
CA ALA A 293 -17.45 0.41 9.01
C ALA A 293 -17.45 1.92 8.87
N TYR A 294 -18.28 2.56 9.69
CA TYR A 294 -18.18 3.98 9.87
C TYR A 294 -18.51 4.37 11.30
N ALA A 295 -18.06 5.55 11.70
CA ALA A 295 -18.31 6.05 13.03
C ALA A 295 -18.58 7.54 12.96
N TYR A 296 -19.47 8.03 13.82
CA TYR A 296 -19.84 9.43 13.81
C TYR A 296 -20.10 9.96 15.21
N LYS A 297 -19.81 11.25 15.39
CA LYS A 297 -20.16 11.98 16.59
C LYS A 297 -20.30 13.44 16.18
N ASP A 298 -21.40 14.05 16.59
CA ASP A 298 -21.71 15.44 16.22
C ASP A 298 -21.55 15.61 14.70
N ASN A 299 -20.67 16.51 14.24
CA ASN A 299 -20.50 16.73 12.80
C ASN A 299 -19.34 15.97 12.14
N VAL A 300 -18.77 14.99 12.84
CA VAL A 300 -17.63 14.24 12.30
C VAL A 300 -18.03 12.81 11.94
N TRP A 301 -17.67 12.38 10.73
CA TRP A 301 -18.02 11.07 10.19
C TRP A 301 -16.77 10.48 9.58
N VAL A 302 -16.48 9.22 9.89
CA VAL A 302 -15.30 8.54 9.33
C VAL A 302 -15.64 7.14 8.85
N GLY A 303 -15.19 6.80 7.65
CA GLY A 303 -15.35 5.46 7.09
C GLY A 303 -14.02 4.73 7.10
N TYR A 304 -14.04 3.46 7.50
CA TYR A 304 -12.80 2.72 7.75
C TYR A 304 -13.07 1.22 7.76
N ASP A 305 -12.02 0.44 7.96
CA ASP A 305 -12.14 -0.99 8.17
C ASP A 305 -12.02 -1.34 9.64
N ASN A 306 -12.91 -2.20 10.12
CA ASN A 306 -12.85 -2.65 11.50
C ASN A 306 -12.60 -4.16 11.59
N GLN A 307 -12.71 -4.70 12.80
CA GLN A 307 -12.42 -6.10 13.04
C GLN A 307 -13.24 -7.03 12.13
N GLN A 308 -14.53 -6.72 11.97
CA GLN A 308 -15.42 -7.52 11.14
C GLN A 308 -15.09 -7.39 9.65
N SER A 309 -14.94 -6.16 9.16
CA SER A 309 -14.69 -5.97 7.73
C SER A 309 -13.32 -6.52 7.30
N VAL A 310 -12.32 -6.42 8.18
CA VAL A 310 -11.00 -6.99 7.87
C VAL A 310 -11.07 -8.52 7.75
N ALA A 311 -11.75 -9.16 8.69
CA ALA A 311 -11.91 -10.62 8.62
C ALA A 311 -12.61 -11.01 7.32
N LEU A 312 -13.62 -10.25 6.93
CA LEU A 312 -14.35 -10.52 5.70
C LEU A 312 -13.48 -10.30 4.46
N LYS A 313 -12.68 -9.24 4.45
CA LYS A 313 -11.78 -8.96 3.34
C LYS A 313 -10.69 -10.02 3.19
N VAL A 314 -10.16 -10.47 4.32
CA VAL A 314 -9.10 -11.48 4.30
C VAL A 314 -9.64 -12.83 3.83
N GLN A 315 -10.85 -13.19 4.28
CA GLN A 315 -11.51 -14.40 3.80
C GLN A 315 -11.82 -14.29 2.31
N TYR A 316 -12.26 -13.11 1.88
CA TYR A 316 -12.44 -12.83 0.45
C TYR A 316 -11.17 -13.12 -0.34
N ALA A 317 -10.03 -12.60 0.14
CA ALA A 317 -8.75 -12.80 -0.52
C ALA A 317 -8.40 -14.27 -0.63
N LYS A 318 -8.68 -15.03 0.43
CA LYS A 318 -8.46 -16.46 0.42
C LYS A 318 -9.38 -17.17 -0.58
N GLU A 319 -10.67 -16.80 -0.59
CA GLU A 319 -11.65 -17.34 -1.54
C GLU A 319 -11.26 -17.07 -2.98
N LYS A 320 -10.70 -15.88 -3.23
CA LYS A 320 -10.27 -15.49 -4.56
C LYS A 320 -8.88 -16.02 -4.93
N ARG A 321 -8.29 -16.79 -4.01
CA ARG A 321 -7.00 -17.47 -4.23
C ARG A 321 -5.82 -16.51 -4.38
N LEU A 322 -5.94 -15.35 -3.73
CA LEU A 322 -4.91 -14.32 -3.82
C LEU A 322 -3.66 -14.72 -3.04
N GLY A 323 -2.55 -14.06 -3.33
CA GLY A 323 -1.29 -14.33 -2.66
C GLY A 323 -1.32 -13.97 -1.19
N GLY A 324 -2.17 -13.01 -0.83
CA GLY A 324 -2.31 -12.57 0.55
C GLY A 324 -2.89 -11.17 0.63
N TYR A 325 -2.51 -10.45 1.68
CA TYR A 325 -3.01 -9.11 1.95
C TYR A 325 -1.88 -8.23 2.45
N PHE A 326 -2.06 -6.91 2.33
CA PHE A 326 -1.13 -5.95 2.94
C PHE A 326 -1.88 -4.86 3.69
N PHE A 327 -1.21 -4.27 4.67
CA PHE A 327 -1.73 -3.13 5.40
C PHE A 327 -0.89 -1.88 5.16
N TRP A 328 -1.56 -0.80 4.79
CA TRP A 328 -0.94 0.53 4.84
C TRP A 328 -1.68 1.35 5.91
N SER A 329 -1.02 1.81 6.96
CA SER A 329 0.37 1.54 7.32
C SER A 329 0.39 1.16 8.80
N VAL A 330 1.38 0.36 9.21
CA VAL A 330 1.31 -0.34 10.50
C VAL A 330 1.37 0.56 11.74
N ASN A 331 1.93 1.75 11.59
CA ASN A 331 1.94 2.74 12.67
C ASN A 331 0.55 3.25 13.03
N GLN A 332 -0.42 3.04 12.14
CA GLN A 332 -1.77 3.56 12.31
C GLN A 332 -2.69 2.66 13.16
N ASP A 333 -2.20 1.47 13.50
CA ASP A 333 -2.91 0.54 14.38
C ASP A 333 -1.91 0.11 15.44
N ILE A 334 -1.73 0.97 16.45
CA ILE A 334 -0.63 0.81 17.39
C ILE A 334 -0.72 -0.48 18.22
N ASP A 335 -1.94 -0.95 18.46
CA ASP A 335 -2.16 -2.20 19.21
C ASP A 335 -2.24 -3.43 18.30
N ALA A 336 -2.04 -3.22 17.00
CA ALA A 336 -2.11 -4.28 15.98
C ALA A 336 -3.39 -5.12 16.03
N ILE A 337 -4.52 -4.43 16.25
CA ILE A 337 -5.83 -5.09 16.32
C ILE A 337 -6.19 -5.74 14.99
N LEU A 338 -6.07 -4.97 13.91
CA LEU A 338 -6.46 -5.46 12.60
C LEU A 338 -5.46 -6.47 11.99
N PRO A 339 -4.14 -6.22 12.14
CA PRO A 339 -3.23 -7.28 11.72
C PRO A 339 -3.43 -8.62 12.44
N LYS A 340 -3.85 -8.59 13.72
CA LYS A 340 -4.13 -9.82 14.45
C LYS A 340 -5.31 -10.59 13.88
N ILE A 341 -6.43 -9.90 13.68
N ILE A 341 -6.45 -9.93 13.67
CA ILE A 341 -7.62 -10.48 13.07
CA ILE A 341 -7.61 -10.63 13.09
C ILE A 341 -7.31 -11.07 11.70
C ILE A 341 -7.34 -11.09 11.66
N ALA A 342 -6.57 -10.33 10.89
CA ALA A 342 -6.20 -10.75 9.54
C ALA A 342 -5.37 -12.05 9.56
N SER A 343 -4.37 -12.08 10.43
CA SER A 343 -3.52 -13.26 10.56
C SER A 343 -4.31 -14.48 11.03
N ASP A 344 -5.16 -14.28 12.04
CA ASP A 344 -6.02 -15.35 12.55
C ASP A 344 -7.00 -15.86 11.48
N THR A 345 -7.53 -14.94 10.67
CA THR A 345 -8.48 -15.31 9.62
C THR A 345 -7.86 -16.21 8.56
N TRP A 346 -6.69 -15.84 8.05
CA TRP A 346 -6.05 -16.66 7.04
C TRP A 346 -5.66 -18.03 7.60
N GLY A 347 -5.17 -18.05 8.84
CA GLY A 347 -4.85 -19.30 9.52
C GLY A 347 -6.06 -20.13 9.89
#